data_5DD4
#
_entry.id   5DD4
#
_cell.length_a   123.735
_cell.length_b   123.735
_cell.length_c   123.735
_cell.angle_alpha   90.000
_cell.angle_beta   90.000
_cell.angle_gamma   90.000
#
_symmetry.space_group_name_H-M   'I 21 3'
#
loop_
_entity.id
_entity.type
_entity.pdbx_description
1 polymer 'TRANSCRIPTIONAL REGULATOR AraR'
2 non-polymer 1,2-ETHANEDIOL
3 non-polymer 'ACETATE ION'
4 water water
#
_entity_poly.entity_id   1
_entity_poly.type   'polypeptide(L)'
_entity_poly.pdbx_seq_one_letter_code
;SNA(MSE)KNYYSSNPTFYLGIDCIIFGFNEGEISLLLLKRNFEPA(MSE)GEWSL(MSE)GGFVQKDESVDDAAKRVLA
ELTGLENVY(MSE)EQVGAFGAIDRDPGERVVSIAYYALININEYDRELVQKHNAYWVNINELPALIFDHPE(MSE)VDK
ARE(MSE)(MSE)KQKASVEPIGFNLLPKLFTLSQLQSLYEAIYGEP(MSE)DKRNFRKRVAE(MSE)DFIEKTDKIDKL
GSKRGAALYKFNGKAYRKDPKFKL
;
_entity_poly.pdbx_strand_id   A
#
loop_
_chem_comp.id
_chem_comp.type
_chem_comp.name
_chem_comp.formula
ACT non-polymer 'ACETATE ION' 'C2 H3 O2 -1'
EDO non-polymer 1,2-ETHANEDIOL 'C2 H6 O2'
#
# COMPACT_ATOMS: atom_id res chain seq x y z
N TYR A 8 -19.45 -27.83 -15.33
CA TYR A 8 -19.58 -26.47 -14.70
C TYR A 8 -20.81 -26.39 -13.79
N SER A 9 -21.95 -26.89 -14.31
CA SER A 9 -23.28 -26.61 -13.77
C SER A 9 -23.67 -27.38 -12.49
N SER A 10 -23.00 -28.50 -12.23
CA SER A 10 -23.23 -29.26 -10.99
C SER A 10 -22.48 -28.68 -9.77
N ASN A 11 -21.82 -27.53 -9.95
CA ASN A 11 -21.03 -26.94 -8.89
C ASN A 11 -21.67 -25.64 -8.39
N PRO A 12 -21.40 -25.28 -7.11
CA PRO A 12 -22.00 -24.09 -6.52
C PRO A 12 -21.32 -22.82 -7.01
N THR A 13 -21.94 -21.69 -6.71
CA THR A 13 -21.35 -20.40 -7.01
C THR A 13 -21.14 -19.64 -5.70
N PHE A 14 -20.22 -18.68 -5.71
CA PHE A 14 -19.80 -17.99 -4.50
C PHE A 14 -19.77 -16.48 -4.68
N TYR A 15 -20.19 -15.75 -3.64
CA TYR A 15 -19.92 -14.33 -3.56
C TYR A 15 -18.41 -14.17 -3.60
N LEU A 16 -17.94 -13.21 -4.37
CA LEU A 16 -16.52 -13.01 -4.53
C LEU A 16 -16.08 -11.64 -4.03
N GLY A 17 -15.47 -11.65 -2.85
CA GLY A 17 -15.08 -10.40 -2.21
C GLY A 17 -13.81 -9.79 -2.77
N ILE A 18 -13.66 -8.49 -2.54
CA ILE A 18 -12.41 -7.79 -2.77
C ILE A 18 -12.04 -7.08 -1.47
N ASP A 19 -10.78 -7.22 -1.04
CA ASP A 19 -10.30 -6.55 0.15
C ASP A 19 -8.97 -5.87 -0.14
N CYS A 20 -8.86 -4.58 0.15
CA CYS A 20 -7.64 -3.83 -0.17
C CYS A 20 -6.84 -3.50 1.06
N ILE A 21 -5.56 -3.88 1.06
CA ILE A 21 -4.65 -3.48 2.10
C ILE A 21 -3.91 -2.26 1.55
N ILE A 22 -4.24 -1.08 2.06
CA ILE A 22 -3.78 0.16 1.46
C ILE A 22 -2.64 0.82 2.27
N PHE A 23 -1.43 0.70 1.76
CA PHE A 23 -0.22 1.16 2.41
C PHE A 23 0.08 2.62 2.07
N GLY A 24 0.49 3.37 3.09
CA GLY A 24 0.97 4.74 2.93
C GLY A 24 2.18 4.98 3.82
N PHE A 25 2.92 6.05 3.55
CA PHE A 25 4.13 6.32 4.29
C PHE A 25 4.21 7.77 4.67
N ASN A 26 4.48 8.02 5.93
CA ASN A 26 4.52 9.40 6.42
C ASN A 26 5.28 9.49 7.71
N GLU A 27 6.21 10.45 7.76
CA GLU A 27 6.93 10.82 8.97
C GLU A 27 7.43 9.58 9.68
N GLY A 28 8.12 8.74 8.94
CA GLY A 28 8.82 7.59 9.50
C GLY A 28 8.09 6.26 9.56
N GLU A 29 6.77 6.26 9.47
N GLU A 29 6.76 6.30 9.40
CA GLU A 29 6.01 5.03 9.70
CA GLU A 29 5.90 5.15 9.69
C GLU A 29 5.12 4.67 8.53
C GLU A 29 5.14 4.67 8.46
N ILE A 30 4.80 3.38 8.46
CA ILE A 30 3.98 2.82 7.41
C ILE A 30 2.64 2.66 8.05
N SER A 31 1.63 3.16 7.38
CA SER A 31 0.28 3.08 7.87
C SER A 31 -0.60 2.38 6.85
N LEU A 32 -1.70 1.83 7.34
CA LEU A 32 -2.77 1.32 6.49
C LEU A 32 -4.03 2.17 6.60
N LEU A 33 -4.72 2.33 5.49
CA LEU A 33 -6.01 2.98 5.51
C LEU A 33 -7.12 1.96 5.82
N LEU A 34 -7.70 2.09 7.01
CA LEU A 34 -8.75 1.20 7.53
C LEU A 34 -10.08 1.93 7.72
N LEU A 35 -11.17 1.15 7.79
CA LEU A 35 -12.52 1.67 8.01
C LEU A 35 -12.99 1.25 9.37
N LYS A 36 -13.57 2.18 10.11
CA LYS A 36 -14.39 1.83 11.25
C LYS A 36 -15.77 1.79 10.67
N ARG A 37 -16.29 0.59 10.54
CA ARG A 37 -17.48 0.34 9.74
C ARG A 37 -18.74 1.09 10.24
N ASN A 38 -19.30 1.91 9.35
CA ASN A 38 -20.62 2.51 9.53
C ASN A 38 -21.76 1.49 9.52
N PHE A 39 -21.49 0.34 8.88
CA PHE A 39 -22.52 -0.56 8.38
C PHE A 39 -22.33 -1.98 8.91
N GLU A 40 -23.33 -2.83 8.68
CA GLU A 40 -23.27 -4.24 9.05
C GLU A 40 -22.61 -5.06 7.95
N PRO A 41 -22.08 -6.26 8.30
CA PRO A 41 -21.98 -6.79 9.66
C PRO A 41 -20.78 -6.19 10.42
N ALA A 42 -20.60 -6.61 11.66
CA ALA A 42 -19.54 -6.12 12.54
C ALA A 42 -19.41 -4.60 12.53
N MSE A 43 -20.54 -3.93 12.76
CA MSE A 43 -20.56 -2.48 12.86
C MSE A 43 -19.66 -2.02 13.97
O MSE A 43 -19.53 -2.69 14.99
CB MSE A 43 -21.96 -2.01 13.17
CG MSE A 43 -22.09 -0.51 12.95
SE MSE A 43 -23.98 -0.01 13.16
CE MSE A 43 -24.73 -0.67 11.45
N GLY A 44 -19.00 -0.89 13.77
CA GLY A 44 -18.12 -0.32 14.77
C GLY A 44 -16.74 -0.98 14.88
N GLU A 45 -16.51 -2.03 14.10
CA GLU A 45 -15.24 -2.73 14.17
C GLU A 45 -14.38 -2.34 12.97
N TRP A 46 -13.09 -2.60 13.09
CA TRP A 46 -12.14 -2.16 12.07
C TRP A 46 -11.94 -3.19 10.98
N SER A 47 -11.82 -2.72 9.75
CA SER A 47 -11.61 -3.63 8.63
C SER A 47 -10.90 -2.94 7.48
N LEU A 48 -10.42 -3.75 6.56
CA LEU A 48 -9.95 -3.32 5.26
C LEU A 48 -11.14 -2.85 4.43
N MSE A 49 -10.81 -2.16 3.34
CA MSE A 49 -11.79 -1.63 2.42
C MSE A 49 -12.17 -2.80 1.56
O MSE A 49 -11.32 -3.51 1.03
CB MSE A 49 -11.12 -0.49 1.64
CG MSE A 49 -11.95 0.04 0.48
SE MSE A 49 -13.69 0.74 1.10
CE MSE A 49 -14.55 1.03 -0.64
N GLY A 50 -13.47 -3.02 1.43
CA GLY A 50 -13.99 -4.19 0.74
C GLY A 50 -15.04 -3.86 -0.30
N GLY A 51 -15.27 -4.83 -1.18
CA GLY A 51 -16.32 -4.74 -2.16
C GLY A 51 -16.53 -6.12 -2.71
N PHE A 52 -17.18 -6.19 -3.86
CA PHE A 52 -17.50 -7.45 -4.50
C PHE A 52 -17.27 -7.40 -6.00
N VAL A 53 -16.69 -8.46 -6.55
CA VAL A 53 -16.55 -8.60 -7.99
C VAL A 53 -17.95 -8.61 -8.64
N GLN A 54 -18.12 -7.81 -9.70
CA GLN A 54 -19.37 -7.74 -10.46
C GLN A 54 -19.24 -8.54 -11.75
N LYS A 55 -20.39 -8.80 -12.37
CA LYS A 55 -20.44 -9.63 -13.57
C LYS A 55 -19.76 -9.03 -14.78
N ASP A 56 -19.67 -7.70 -14.83
CA ASP A 56 -19.11 -6.98 -15.99
C ASP A 56 -17.62 -6.60 -15.85
N GLU A 57 -16.94 -7.09 -14.82
CA GLU A 57 -15.54 -6.68 -14.57
C GLU A 57 -14.67 -7.87 -14.18
N SER A 58 -13.41 -7.82 -14.58
CA SER A 58 -12.43 -8.80 -14.16
C SER A 58 -12.14 -8.59 -12.67
N VAL A 59 -11.50 -9.57 -12.06
CA VAL A 59 -11.17 -9.48 -10.64
C VAL A 59 -10.20 -8.32 -10.40
N ASP A 60 -9.19 -8.18 -11.25
CA ASP A 60 -8.28 -7.03 -11.16
C ASP A 60 -9.01 -5.70 -11.29
N ASP A 61 -9.92 -5.61 -12.25
CA ASP A 61 -10.72 -4.38 -12.39
C ASP A 61 -11.60 -4.09 -11.18
N ALA A 62 -12.12 -5.13 -10.52
CA ALA A 62 -12.85 -4.92 -9.27
C ALA A 62 -11.95 -4.33 -8.19
N ALA A 63 -10.72 -4.80 -8.13
CA ALA A 63 -9.78 -4.28 -7.17
C ALA A 63 -9.56 -2.79 -7.38
N LYS A 64 -9.43 -2.41 -8.63
CA LYS A 64 -9.18 -1.02 -9.00
C LYS A 64 -10.35 -0.12 -8.67
N ARG A 65 -11.54 -0.66 -8.91
CA ARG A 65 -12.75 0.08 -8.62
C ARG A 65 -12.88 0.28 -7.11
N VAL A 66 -12.67 -0.78 -6.34
CA VAL A 66 -12.91 -0.70 -4.92
C VAL A 66 -11.97 0.32 -4.32
N LEU A 67 -10.75 0.33 -4.79
CA LEU A 67 -9.75 1.26 -4.32
C LEU A 67 -10.09 2.68 -4.71
N ALA A 68 -10.52 2.88 -5.95
CA ALA A 68 -10.95 4.20 -6.40
C ALA A 68 -12.18 4.70 -5.60
N GLU A 69 -13.10 3.78 -5.26
CA GLU A 69 -14.28 4.13 -4.46
C GLU A 69 -13.88 4.85 -3.17
N LEU A 70 -12.82 4.37 -2.52
CA LEU A 70 -12.37 4.95 -1.25
C LEU A 70 -11.46 6.15 -1.44
N THR A 71 -10.58 6.05 -2.43
CA THR A 71 -9.47 6.98 -2.60
C THR A 71 -9.59 7.94 -3.78
N GLY A 72 -10.37 7.59 -4.78
CA GLY A 72 -10.43 8.36 -6.01
C GLY A 72 -9.18 8.26 -6.86
N LEU A 73 -8.32 7.29 -6.56
CA LEU A 73 -7.07 7.09 -7.26
C LEU A 73 -7.14 6.02 -8.33
N GLU A 74 -6.42 6.25 -9.43
CA GLU A 74 -6.27 5.30 -10.53
C GLU A 74 -4.81 5.14 -10.90
N ASN A 75 -4.50 4.14 -11.73
CA ASN A 75 -3.10 3.82 -12.07
C ASN A 75 -2.24 3.64 -10.83
N VAL A 76 -2.79 2.89 -9.89
CA VAL A 76 -2.17 2.68 -8.61
C VAL A 76 -1.38 1.39 -8.68
N TYR A 77 -0.16 1.40 -8.18
CA TYR A 77 0.55 0.16 -8.01
C TYR A 77 -0.27 -0.77 -7.08
N MSE A 78 -0.63 -1.93 -7.60
CA MSE A 78 -1.39 -2.95 -6.84
C MSE A 78 -0.89 -4.32 -7.10
O MSE A 78 -0.48 -4.65 -8.18
CB MSE A 78 -2.87 -3.06 -7.23
CG MSE A 78 -3.52 -1.70 -7.21
SE MSE A 78 -5.47 -1.87 -7.36
CE MSE A 78 -5.93 -2.57 -5.58
N GLU A 79 -0.96 -5.15 -6.08
CA GLU A 79 -0.55 -6.52 -6.22
C GLU A 79 -1.63 -7.38 -5.60
N GLN A 80 -1.97 -8.49 -6.26
CA GLN A 80 -2.84 -9.48 -5.68
C GLN A 80 -2.11 -10.26 -4.58
N VAL A 81 -2.74 -10.34 -3.41
CA VAL A 81 -2.19 -11.03 -2.26
C VAL A 81 -2.66 -12.46 -2.22
N GLY A 82 -3.97 -12.69 -2.34
CA GLY A 82 -4.50 -14.04 -2.50
C GLY A 82 -5.99 -14.16 -2.30
N ALA A 83 -6.48 -15.38 -2.53
CA ALA A 83 -7.88 -15.74 -2.33
C ALA A 83 -8.04 -16.39 -0.98
N PHE A 84 -8.79 -15.73 -0.11
CA PHE A 84 -9.03 -16.21 1.24
C PHE A 84 -10.39 -16.88 1.30
N GLY A 85 -10.41 -18.16 1.64
CA GLY A 85 -11.60 -18.97 1.42
C GLY A 85 -11.96 -19.97 2.48
N ALA A 86 -11.61 -19.69 3.74
CA ALA A 86 -12.10 -20.51 4.83
C ALA A 86 -13.63 -20.42 4.84
N ILE A 87 -14.28 -21.52 5.15
CA ILE A 87 -15.73 -21.59 5.06
C ILE A 87 -16.36 -20.48 5.88
N ASP A 88 -15.97 -20.37 7.16
CA ASP A 88 -16.58 -19.41 8.09
C ASP A 88 -15.79 -18.12 8.22
N ARG A 89 -15.01 -17.76 7.22
CA ARG A 89 -14.23 -16.52 7.34
C ARG A 89 -15.13 -15.30 7.59
N ASP A 90 -16.25 -15.28 6.91
CA ASP A 90 -17.26 -14.26 7.03
C ASP A 90 -18.51 -14.95 7.53
N PRO A 91 -18.98 -14.61 8.74
CA PRO A 91 -20.08 -15.37 9.35
C PRO A 91 -21.46 -15.18 8.70
N GLY A 92 -21.60 -14.20 7.82
CA GLY A 92 -22.88 -13.92 7.19
C GLY A 92 -23.25 -14.99 6.19
N GLU A 93 -22.85 -14.78 4.94
CA GLU A 93 -23.00 -15.78 3.88
C GLU A 93 -21.56 -16.16 3.56
N ARG A 94 -21.39 -17.20 2.76
CA ARG A 94 -20.06 -17.60 2.41
C ARG A 94 -19.49 -16.63 1.36
N VAL A 95 -18.32 -16.10 1.66
CA VAL A 95 -17.62 -15.22 0.77
C VAL A 95 -16.18 -15.69 0.69
N VAL A 96 -15.72 -15.88 -0.54
CA VAL A 96 -14.30 -16.02 -0.79
C VAL A 96 -13.83 -14.65 -1.23
N SER A 97 -12.81 -14.13 -0.56
CA SER A 97 -12.34 -12.79 -0.84
C SER A 97 -10.93 -12.79 -1.42
N ILE A 98 -10.73 -12.00 -2.46
CA ILE A 98 -9.42 -11.80 -3.02
C ILE A 98 -8.82 -10.54 -2.45
N ALA A 99 -7.71 -10.69 -1.74
CA ALA A 99 -7.04 -9.58 -1.13
C ALA A 99 -6.02 -9.04 -2.11
N TYR A 100 -5.97 -7.71 -2.24
CA TYR A 100 -4.92 -7.01 -2.95
C TYR A 100 -4.25 -6.07 -1.97
N TYR A 101 -3.00 -5.72 -2.24
CA TYR A 101 -2.41 -4.60 -1.56
C TYR A 101 -2.13 -3.52 -2.57
N ALA A 102 -2.05 -2.30 -2.06
CA ALA A 102 -1.82 -1.13 -2.88
C ALA A 102 -0.82 -0.22 -2.18
N LEU A 103 -0.02 0.46 -2.97
CA LEU A 103 1.00 1.37 -2.49
C LEU A 103 0.68 2.74 -3.07
N ILE A 104 0.25 3.66 -2.21
CA ILE A 104 -0.09 5.02 -2.66
C ILE A 104 0.69 6.13 -1.97
N ASN A 105 0.70 7.26 -2.65
CA ASN A 105 1.24 8.51 -2.12
C ASN A 105 0.19 9.12 -1.21
N ILE A 106 0.53 9.23 0.07
CA ILE A 106 -0.43 9.62 1.12
C ILE A 106 -0.87 11.09 1.03
N ASN A 107 -0.10 11.91 0.32
CA ASN A 107 -0.48 13.29 0.07
C ASN A 107 -1.54 13.45 -1.02
N GLU A 108 -1.93 12.37 -1.67
CA GLU A 108 -2.55 12.47 -3.00
C GLU A 108 -3.95 11.87 -3.15
N TYR A 109 -4.49 11.28 -2.08
CA TYR A 109 -5.82 10.66 -2.13
C TYR A 109 -6.96 11.70 -1.93
N ASP A 110 -8.20 11.24 -2.07
CA ASP A 110 -9.39 12.11 -1.99
C ASP A 110 -10.01 12.14 -0.58
N ARG A 111 -9.74 13.20 0.16
CA ARG A 111 -10.14 13.28 1.58
C ARG A 111 -11.63 13.09 1.79
N GLU A 112 -12.43 13.55 0.84
CA GLU A 112 -13.87 13.55 1.04
C GLU A 112 -14.38 12.12 0.97
N LEU A 113 -13.92 11.36 0.00
CA LEU A 113 -14.26 9.94 -0.09
C LEU A 113 -13.84 9.15 1.16
N VAL A 114 -12.66 9.47 1.69
CA VAL A 114 -12.22 8.80 2.91
C VAL A 114 -13.16 9.10 4.06
N GLN A 115 -13.60 10.35 4.19
CA GLN A 115 -14.57 10.72 5.21
C GLN A 115 -15.90 9.99 5.10
N LYS A 116 -16.37 9.77 3.88
CA LYS A 116 -17.66 9.08 3.67
C LYS A 116 -17.60 7.65 4.18
N HIS A 117 -16.46 7.02 3.95
CA HIS A 117 -16.26 5.63 4.35
C HIS A 117 -15.80 5.53 5.79
N ASN A 118 -15.50 6.68 6.40
CA ASN A 118 -15.16 6.73 7.81
C ASN A 118 -13.89 5.91 8.03
N ALA A 119 -12.91 6.18 7.16
CA ALA A 119 -11.62 5.54 7.13
C ALA A 119 -10.53 6.42 7.73
N TYR A 120 -9.54 5.78 8.35
CA TYR A 120 -8.44 6.47 9.03
C TYR A 120 -7.14 5.74 8.76
N TRP A 121 -6.05 6.50 8.71
CA TRP A 121 -4.73 5.92 8.60
C TRP A 121 -4.27 5.44 9.95
N VAL A 122 -3.76 4.22 10.02
CA VAL A 122 -3.27 3.67 11.28
C VAL A 122 -1.92 3.02 11.09
N ASN A 123 -1.04 3.26 12.04
CA ASN A 123 0.30 2.72 12.03
C ASN A 123 0.27 1.20 11.96
N ILE A 124 1.01 0.63 11.01
CA ILE A 124 0.94 -0.81 10.76
C ILE A 124 1.42 -1.64 11.94
N ASN A 125 2.20 -1.05 12.82
CA ASN A 125 2.64 -1.74 14.03
C ASN A 125 1.75 -1.53 15.23
N GLU A 126 0.75 -0.67 15.12
CA GLU A 126 -0.13 -0.37 16.24
C GLU A 126 -1.59 -0.47 15.76
N LEU A 127 -1.87 -1.53 15.00
CA LEU A 127 -3.20 -1.75 14.47
C LEU A 127 -4.20 -2.18 15.54
N PRO A 128 -5.48 -1.80 15.38
CA PRO A 128 -6.51 -2.37 16.23
C PRO A 128 -6.83 -3.77 15.78
N ALA A 129 -7.61 -4.51 16.56
CA ALA A 129 -8.15 -5.78 16.10
C ALA A 129 -8.93 -5.56 14.81
N LEU A 130 -8.67 -6.37 13.80
CA LEU A 130 -9.44 -6.34 12.55
C LEU A 130 -10.31 -7.57 12.46
N ILE A 131 -11.45 -7.43 11.81
CA ILE A 131 -12.45 -8.50 11.68
C ILE A 131 -12.02 -9.66 10.79
N PHE A 132 -12.72 -10.77 10.95
CA PHE A 132 -12.60 -11.93 10.09
C PHE A 132 -11.13 -12.37 9.96
N ASP A 133 -10.69 -12.60 8.73
CA ASP A 133 -9.34 -13.04 8.45
C ASP A 133 -8.50 -11.90 7.91
N HIS A 134 -8.94 -10.68 8.12
CA HIS A 134 -8.17 -9.48 7.74
C HIS A 134 -6.75 -9.36 8.36
N PRO A 135 -6.58 -9.78 9.62
CA PRO A 135 -5.23 -9.79 10.16
C PRO A 135 -4.29 -10.67 9.33
N GLU A 136 -4.78 -11.83 8.93
N GLU A 136 -4.79 -11.83 8.93
CA GLU A 136 -4.00 -12.77 8.15
CA GLU A 136 -4.06 -12.81 8.12
C GLU A 136 -3.73 -12.23 6.74
C GLU A 136 -3.71 -12.20 6.75
N MSE A 137 -4.64 -11.44 6.18
CA MSE A 137 -4.41 -10.80 4.88
C MSE A 137 -3.33 -9.74 5.02
O MSE A 137 -2.42 -9.66 4.20
CB MSE A 137 -5.67 -10.16 4.30
CG MSE A 137 -6.86 -11.10 4.10
SE MSE A 137 -8.44 -10.02 3.53
CE MSE A 137 -9.71 -11.45 3.07
N VAL A 138 -3.39 -8.94 6.08
CA VAL A 138 -2.38 -7.90 6.30
C VAL A 138 -0.99 -8.53 6.48
N ASP A 139 -0.92 -9.62 7.25
CA ASP A 139 0.34 -10.30 7.51
C ASP A 139 0.99 -10.75 6.22
N LYS A 140 0.19 -11.37 5.35
CA LYS A 140 0.70 -11.88 4.11
C LYS A 140 1.13 -10.76 3.17
N ALA A 141 0.38 -9.66 3.16
CA ALA A 141 0.67 -8.54 2.25
C ALA A 141 1.95 -7.87 2.65
N ARG A 142 2.16 -7.74 3.96
CA ARG A 142 3.45 -7.24 4.50
C ARG A 142 4.64 -8.06 4.05
N GLU A 143 4.53 -9.38 4.16
CA GLU A 143 5.66 -10.22 3.78
C GLU A 143 5.95 -10.03 2.30
N MSE A 144 4.91 -9.98 1.48
CA MSE A 144 5.10 -9.90 0.04
C MSE A 144 5.72 -8.60 -0.31
O MSE A 144 6.64 -8.54 -1.12
CB MSE A 144 3.78 -10.06 -0.68
CG MSE A 144 3.29 -11.52 -0.58
SE MSE A 144 1.45 -11.60 -1.29
CE MSE A 144 1.87 -10.76 -3.03
N MSE A 145 5.24 -7.55 0.32
CA MSE A 145 5.75 -6.21 0.10
C MSE A 145 7.21 -6.08 0.50
O MSE A 145 8.02 -5.57 -0.27
CB MSE A 145 4.81 -5.26 0.81
CG MSE A 145 4.92 -3.90 0.18
SE MSE A 145 6.25 -2.91 1.24
CE MSE A 145 4.93 -1.99 2.40
N LYS A 146 7.58 -6.56 1.69
CA LYS A 146 8.98 -6.58 2.11
C LYS A 146 9.85 -7.38 1.15
N GLN A 147 9.41 -8.57 0.82
CA GLN A 147 10.13 -9.40 -0.11
C GLN A 147 10.40 -8.61 -1.39
N LYS A 148 9.35 -8.01 -1.95
CA LYS A 148 9.45 -7.41 -3.28
C LYS A 148 10.19 -6.07 -3.31
N ALA A 149 10.03 -5.27 -2.26
CA ALA A 149 10.67 -3.97 -2.20
C ALA A 149 12.17 -4.06 -2.03
N SER A 150 12.70 -5.27 -1.82
CA SER A 150 14.15 -5.45 -1.70
C SER A 150 14.79 -5.74 -3.04
N VAL A 151 13.98 -6.06 -4.05
CA VAL A 151 14.48 -6.37 -5.38
C VAL A 151 13.76 -5.63 -6.51
N GLU A 152 12.75 -4.81 -6.20
CA GLU A 152 12.10 -3.99 -7.21
C GLU A 152 11.83 -2.59 -6.65
N PRO A 153 11.77 -1.58 -7.51
CA PRO A 153 11.58 -0.20 -7.08
C PRO A 153 10.14 0.18 -6.75
N ILE A 154 9.43 -0.70 -6.06
CA ILE A 154 8.01 -0.49 -5.83
C ILE A 154 7.80 0.50 -4.69
N GLY A 155 8.81 0.64 -3.83
CA GLY A 155 8.79 1.59 -2.71
C GLY A 155 8.52 3.03 -3.12
N PHE A 156 8.95 3.42 -4.31
CA PHE A 156 8.82 4.79 -4.75
C PHE A 156 7.37 5.21 -5.00
N ASN A 157 6.47 4.23 -5.02
CA ASN A 157 5.04 4.53 -5.07
C ASN A 157 4.54 5.12 -3.77
N LEU A 158 5.23 4.80 -2.67
CA LEU A 158 4.90 5.35 -1.35
C LEU A 158 5.44 6.76 -1.10
N LEU A 159 6.24 7.28 -2.03
CA LEU A 159 6.85 8.61 -1.86
C LEU A 159 6.34 9.58 -2.90
N PRO A 160 6.42 10.88 -2.59
CA PRO A 160 6.13 11.85 -3.62
C PRO A 160 7.14 11.70 -4.77
N LYS A 161 6.82 12.33 -5.90
CA LYS A 161 7.66 12.30 -7.08
C LYS A 161 9.09 12.74 -6.74
N LEU A 162 9.20 13.73 -5.87
CA LEU A 162 10.48 14.22 -5.40
C LEU A 162 10.67 13.84 -3.94
N PHE A 163 11.80 13.22 -3.60
CA PHE A 163 12.04 12.79 -2.22
C PHE A 163 13.48 13.05 -1.80
N THR A 164 13.71 13.20 -0.50
CA THR A 164 15.06 13.32 0.05
C THR A 164 15.59 11.94 0.37
N LEU A 165 16.89 11.82 0.57
CA LEU A 165 17.48 10.53 0.90
C LEU A 165 17.15 10.22 2.32
N SER A 166 16.98 11.24 3.13
CA SER A 166 16.56 11.00 4.48
C SER A 166 15.20 10.29 4.51
N GLN A 167 14.26 10.74 3.69
CA GLN A 167 12.95 10.09 3.60
C GLN A 167 13.02 8.68 3.03
N LEU A 168 13.78 8.51 1.96
CA LEU A 168 13.92 7.20 1.33
C LEU A 168 14.47 6.17 2.32
N GLN A 169 15.49 6.59 3.08
CA GLN A 169 16.07 5.76 4.12
C GLN A 169 15.05 5.42 5.16
N SER A 170 14.41 6.45 5.66
CA SER A 170 13.36 6.29 6.65
C SER A 170 12.28 5.32 6.14
N LEU A 171 11.91 5.42 4.87
CA LEU A 171 10.93 4.48 4.29
C LEU A 171 11.38 3.05 4.47
N TYR A 172 12.64 2.82 4.11
CA TYR A 172 13.20 1.48 4.12
C TYR A 172 13.41 0.93 5.50
N GLU A 173 13.70 1.79 6.46
CA GLU A 173 13.85 1.36 7.85
C GLU A 173 12.50 0.90 8.37
N ALA A 174 11.45 1.60 7.96
CA ALA A 174 10.09 1.28 8.36
C ALA A 174 9.62 -0.02 7.73
N ILE A 175 9.94 -0.22 6.44
CA ILE A 175 9.58 -1.46 5.75
C ILE A 175 10.17 -2.70 6.45
N TYR A 176 11.41 -2.59 6.93
CA TYR A 176 12.10 -3.73 7.53
C TYR A 176 12.21 -3.73 9.05
N GLY A 177 11.68 -2.69 9.69
CA GLY A 177 11.68 -2.59 11.15
C GLY A 177 13.07 -2.62 11.74
N GLU A 178 14.04 -2.06 10.99
CA GLU A 178 15.47 -2.20 11.27
C GLU A 178 16.19 -0.94 10.78
N PRO A 179 17.08 -0.36 11.60
CA PRO A 179 17.83 0.80 11.09
C PRO A 179 18.97 0.36 10.16
N MSE A 180 19.28 1.20 9.17
CA MSE A 180 20.39 0.89 8.26
C MSE A 180 21.55 1.80 8.54
O MSE A 180 21.40 2.84 9.18
CB MSE A 180 20.14 1.03 6.76
CG MSE A 180 18.78 1.55 6.30
SE MSE A 180 17.89 0.09 5.34
CE MSE A 180 19.21 -0.35 3.95
N ASP A 181 22.71 1.38 8.05
CA ASP A 181 23.88 2.21 8.08
C ASP A 181 23.65 3.31 7.05
N LYS A 182 23.69 4.55 7.52
CA LYS A 182 23.53 5.73 6.68
C LYS A 182 24.56 5.78 5.56
N ARG A 183 25.82 5.49 5.89
CA ARG A 183 26.92 5.56 4.92
C ARG A 183 26.68 4.61 3.73
N ASN A 184 26.50 3.33 4.02
CA ASN A 184 26.35 2.35 2.95
C ASN A 184 25.12 2.61 2.11
N PHE A 185 24.05 3.03 2.78
CA PHE A 185 22.81 3.34 2.11
C PHE A 185 23.01 4.43 1.07
N ARG A 186 23.58 5.56 1.49
CA ARG A 186 23.80 6.71 0.60
C ARG A 186 24.62 6.29 -0.63
N LYS A 187 25.66 5.49 -0.41
CA LYS A 187 26.50 5.00 -1.50
C LYS A 187 25.67 4.16 -2.45
N ARG A 188 25.05 3.12 -1.91
CA ARG A 188 24.18 2.23 -2.68
C ARG A 188 23.21 2.98 -3.61
N VAL A 189 22.70 4.13 -3.17
CA VAL A 189 21.80 4.96 -3.98
C VAL A 189 22.55 5.72 -5.07
N ALA A 190 23.71 6.27 -4.74
CA ALA A 190 24.57 6.91 -5.75
C ALA A 190 24.90 5.98 -6.92
N GLU A 191 25.04 4.68 -6.65
CA GLU A 191 25.30 3.68 -7.70
C GLU A 191 24.07 3.37 -8.58
N MSE A 192 22.96 4.07 -8.38
CA MSE A 192 21.76 3.83 -9.18
C MSE A 192 21.48 5.03 -10.01
O MSE A 192 21.07 6.07 -9.50
CB MSE A 192 20.58 3.54 -8.27
CG MSE A 192 20.81 2.19 -7.59
SE MSE A 192 19.27 1.76 -6.46
CE MSE A 192 20.02 0.06 -5.78
N ASP A 193 21.69 4.90 -11.32
CA ASP A 193 21.50 6.00 -12.26
C ASP A 193 20.07 6.51 -12.31
N PHE A 194 19.12 5.59 -12.12
CA PHE A 194 17.69 5.90 -12.24
C PHE A 194 17.10 6.60 -11.01
N ILE A 195 17.89 6.67 -9.92
CA ILE A 195 17.59 7.57 -8.80
C ILE A 195 18.39 8.84 -9.01
N GLU A 196 17.83 9.83 -9.67
CA GLU A 196 18.63 10.99 -10.01
C GLU A 196 18.41 12.20 -9.13
N LYS A 197 19.53 12.86 -8.83
CA LYS A 197 19.58 14.05 -8.00
C LYS A 197 19.15 15.26 -8.81
N THR A 198 18.20 16.02 -8.26
CA THR A 198 17.68 17.21 -8.92
C THR A 198 18.33 18.45 -8.33
N ASP A 199 18.11 19.60 -8.94
N ASP A 199 18.03 19.58 -8.97
CA ASP A 199 18.55 20.85 -8.31
CA ASP A 199 18.42 20.90 -8.50
C ASP A 199 17.42 21.53 -7.52
C ASP A 199 17.44 21.52 -7.49
N LYS A 200 16.48 20.74 -7.00
CA LYS A 200 15.41 21.26 -6.14
C LYS A 200 15.64 20.86 -4.70
N ILE A 201 15.07 21.61 -3.77
CA ILE A 201 15.15 21.24 -2.36
C ILE A 201 13.80 21.26 -1.64
N ASP A 202 13.64 20.32 -0.71
CA ASP A 202 12.49 20.28 0.17
C ASP A 202 12.70 21.37 1.20
N LYS A 203 11.70 22.21 1.43
CA LYS A 203 11.81 23.21 2.50
C LYS A 203 10.90 22.80 3.63
N LEU A 204 11.37 21.88 4.46
CA LEU A 204 10.69 21.56 5.71
C LEU A 204 10.96 22.72 6.67
N GLY A 205 10.04 23.69 6.67
CA GLY A 205 10.17 24.88 7.50
C GLY A 205 11.19 25.86 6.96
N SER A 206 11.12 27.08 7.45
CA SER A 206 11.96 28.18 6.96
C SER A 206 13.48 27.91 7.07
N LYS A 207 13.88 27.10 8.04
CA LYS A 207 15.30 27.01 8.42
C LYS A 207 15.96 25.67 8.10
N ARG A 208 15.27 24.77 7.42
CA ARG A 208 15.91 23.52 6.99
C ARG A 208 15.46 23.05 5.61
N GLY A 209 16.44 22.61 4.82
CA GLY A 209 16.23 22.07 3.51
C GLY A 209 17.02 20.79 3.34
N ALA A 210 16.83 20.15 2.20
CA ALA A 210 17.50 18.91 1.88
C ALA A 210 17.28 18.63 0.41
N ALA A 211 18.31 18.08 -0.24
CA ALA A 211 18.29 17.82 -1.69
C ALA A 211 17.24 16.78 -2.07
N LEU A 212 16.58 17.00 -3.19
CA LEU A 212 15.51 16.11 -3.65
C LEU A 212 15.97 15.30 -4.84
N TYR A 213 15.46 14.07 -4.88
CA TYR A 213 15.80 13.10 -5.89
C TYR A 213 14.52 12.68 -6.55
N LYS A 214 14.65 12.05 -7.72
CA LYS A 214 13.52 11.40 -8.33
C LYS A 214 13.94 10.12 -8.98
N PHE A 215 12.98 9.22 -9.05
CA PHE A 215 13.12 7.96 -9.73
C PHE A 215 12.59 8.15 -11.15
N ASN A 216 13.36 7.84 -12.18
CA ASN A 216 12.72 7.67 -13.51
C ASN A 216 12.74 6.22 -13.98
N GLY A 217 11.53 5.71 -14.19
CA GLY A 217 11.32 4.34 -14.63
C GLY A 217 11.71 4.05 -16.06
N LYS A 218 12.07 5.09 -16.83
CA LYS A 218 12.63 4.88 -18.17
C LYS A 218 14.03 4.34 -18.00
N ALA A 219 14.88 5.11 -17.31
CA ALA A 219 16.23 4.68 -16.98
C ALA A 219 16.25 3.34 -16.24
N TYR A 220 15.27 3.10 -15.36
CA TYR A 220 15.21 1.81 -14.66
C TYR A 220 14.88 0.68 -15.63
N ARG A 221 13.88 0.90 -16.49
CA ARG A 221 13.44 -0.18 -17.38
C ARG A 221 14.44 -0.50 -18.49
N LYS A 222 15.31 0.46 -18.85
CA LYS A 222 16.42 0.18 -19.76
C LYS A 222 17.52 -0.67 -19.10
N ASP A 223 17.77 -0.41 -17.83
CA ASP A 223 18.67 -1.26 -17.04
C ASP A 223 18.05 -1.58 -15.68
N PRO A 224 17.24 -2.65 -15.63
CA PRO A 224 16.46 -2.94 -14.43
C PRO A 224 17.21 -3.72 -13.34
N LYS A 225 18.23 -3.10 -12.76
CA LYS A 225 18.90 -3.70 -11.62
C LYS A 225 18.61 -2.85 -10.37
N PHE A 226 18.10 -3.51 -9.33
CA PHE A 226 17.72 -2.84 -8.09
C PHE A 226 17.98 -3.76 -6.91
N LYS A 227 18.68 -3.25 -5.90
CA LYS A 227 18.84 -3.96 -4.64
C LYS A 227 19.17 -2.96 -3.54
N LEU A 228 18.28 -2.85 -2.57
CA LEU A 228 18.38 -1.84 -1.51
C LEU A 228 17.81 -2.35 -0.18
C1 EDO B . -15.92 -9.60 2.77
O1 EDO B . -16.06 -10.91 3.36
C2 EDO B . -14.88 -8.81 3.56
O2 EDO B . -13.76 -9.64 3.88
C ACT C . -3.16 -12.38 -11.14
O ACT C . -2.68 -13.30 -10.43
OXT ACT C . -3.41 -11.23 -10.71
CH3 ACT C . -3.43 -12.67 -12.60
#